data_5QPP
#
_entry.id   5QPP
#
_cell.length_a   57.992
_cell.length_b   57.992
_cell.length_c   395.770
_cell.angle_alpha   90.000
_cell.angle_beta   90.000
_cell.angle_gamma   120.000
#
_symmetry.space_group_name_H-M   'P 61 2 2'
#
loop_
_entity.id
_entity.type
_entity.pdbx_description
1 polymer 'Farnesyl diphosphate synthase'
2 non-polymer 'SULFATE ION'
3 non-polymer 'ACETATE ION'
4 non-polymer 'ZINC ION'
5 non-polymer 1-[2-(trifluoromethyloxy)phenyl]thiourea
6 water water
#
_entity_poly.entity_id   1
_entity_poly.type   'polypeptide(L)'
_entity_poly.pdbx_seq_one_letter_code
;GPMASMERFLSVYDEVQAFLLDQLQSKYEIDPNRARYLRIMMDTTCLGGKYFRGMTVVNVAEGFLAVTQHDEATKERILH
DACVGGWMIEFLQAHYLVEDDIMDGSVMRRGKPCWYRFPGVTTQCAINDGIILKSWTQIMAWHYFADRPFLKDLLCLFQK
VDYATAVGQMYDVTSMCDSNKLDPEVAQPMTTDFAEFTPAIYKRIVKYKTTFYTYLLPLVMGLLVSEAAASVEMNLVERV
AHLIGEYFQVQDDVMDCFTPPEQLGKVGTDIEDAKCSWLAVTFLGKANAAQVAEFKANYGEKDPAKVAVVKRLYSKANLQ
ADFAAYEAEVVREVESLIEQLKVKSPTFAESVAVVWEKTHKRKK
;
_entity_poly.pdbx_strand_id   A
#
# COMPACT_ATOMS: atom_id res chain seq x y z
N MET A 3 -21.64 -12.10 13.77
CA MET A 3 -20.46 -11.38 14.38
C MET A 3 -19.97 -10.22 13.47
N ALA A 4 -19.75 -9.03 14.06
CA ALA A 4 -19.24 -7.89 13.29
C ALA A 4 -17.84 -8.19 12.76
N SER A 5 -17.69 -7.68 11.57
CA SER A 5 -16.52 -8.03 10.73
C SER A 5 -15.17 -7.66 11.36
N MET A 6 -15.13 -6.44 11.88
CA MET A 6 -13.90 -5.98 12.50
C MET A 6 -13.52 -6.76 13.75
N GLU A 7 -14.50 -7.10 14.59
CA GLU A 7 -14.15 -7.90 15.76
C GLU A 7 -13.74 -9.31 15.40
N ARG A 8 -14.29 -9.87 14.31
CA ARG A 8 -13.79 -11.14 13.81
C ARG A 8 -12.33 -11.03 13.35
N PHE A 9 -12.10 -10.01 12.58
CA PHE A 9 -10.78 -9.74 12.05
C PHE A 9 -9.68 -9.59 13.13
N LEU A 10 -10.03 -8.81 14.12
CA LEU A 10 -9.18 -8.59 15.28
C LEU A 10 -8.98 -9.82 16.09
N SER A 11 -10.05 -10.58 16.28
CA SER A 11 -9.85 -11.84 16.97
C SER A 11 -9.00 -12.84 16.23
N VAL A 12 -9.09 -12.90 14.89
CA VAL A 12 -8.20 -13.73 14.15
C VAL A 12 -6.72 -13.33 14.26
N TYR A 13 -6.47 -11.98 14.41
CA TYR A 13 -5.12 -11.52 14.66
C TYR A 13 -4.61 -12.27 15.91
N ASP A 14 -5.36 -12.25 17.00
CA ASP A 14 -4.85 -12.92 18.18
C ASP A 14 -4.54 -14.42 17.97
N GLU A 15 -5.41 -15.11 17.21
CA GLU A 15 -5.28 -16.49 16.90
C GLU A 15 -4.00 -16.74 16.10
N VAL A 16 -3.79 -15.93 15.08
CA VAL A 16 -2.66 -16.09 14.18
C VAL A 16 -1.38 -15.79 14.92
N GLN A 17 -1.38 -14.79 15.80
CA GLN A 17 -0.18 -14.48 16.56
C GLN A 17 0.13 -15.68 17.44
N ALA A 18 -0.89 -16.14 18.19
CA ALA A 18 -0.65 -17.30 19.05
C ALA A 18 -0.09 -18.51 18.36
N PHE A 19 -0.61 -18.80 17.15
CA PHE A 19 -0.17 -19.82 16.34
C PHE A 19 1.35 -19.64 15.94
N LEU A 20 1.67 -18.47 15.42
CA LEU A 20 3.01 -18.15 15.02
C LEU A 20 4.03 -18.35 16.16
N LEU A 21 3.70 -17.77 17.29
CA LEU A 21 4.64 -17.84 18.44
C LEU A 21 4.72 -19.21 19.01
N ASP A 22 3.61 -19.92 19.07
CA ASP A 22 3.66 -21.30 19.57
C ASP A 22 4.46 -22.22 18.71
N GLN A 23 4.36 -22.02 17.40
CA GLN A 23 5.15 -22.76 16.45
C GLN A 23 6.65 -22.42 16.61
N LEU A 24 6.94 -21.15 16.86
CA LEU A 24 8.34 -20.85 17.08
C LEU A 24 8.91 -21.60 18.28
N GLN A 25 8.08 -21.69 19.32
CA GLN A 25 8.52 -22.50 20.48
C GLN A 25 8.66 -24.01 20.19
N SER A 26 7.70 -24.58 19.49
CA SER A 26 7.63 -26.00 19.30
C SER A 26 8.47 -26.52 18.20
N LYS A 27 8.85 -25.67 17.23
CA LYS A 27 9.68 -26.11 16.12
C LYS A 27 10.97 -25.39 15.90
N TYR A 28 11.06 -24.13 16.37
CA TYR A 28 12.23 -23.28 16.01
C TYR A 28 13.03 -22.93 17.24
N GLU A 29 12.76 -23.64 18.36
CA GLU A 29 13.60 -23.61 19.56
C GLU A 29 13.62 -22.26 20.23
N ILE A 30 12.58 -21.42 19.98
CA ILE A 30 12.65 -20.07 20.53
C ILE A 30 12.53 -20.09 22.02
N ASP A 31 13.13 -19.13 22.67
CA ASP A 31 13.05 -18.93 24.11
C ASP A 31 12.00 -17.85 24.38
N PRO A 32 11.43 -17.78 25.57
CA PRO A 32 10.39 -16.84 25.92
C PRO A 32 10.76 -15.37 25.73
N ASN A 33 12.01 -14.99 25.91
CA ASN A 33 12.32 -13.58 25.78
C ASN A 33 12.26 -13.13 24.29
N ARG A 34 12.85 -13.98 23.45
CA ARG A 34 12.79 -13.66 22.02
C ARG A 34 11.40 -13.79 21.47
N ALA A 35 10.62 -14.72 21.96
CA ALA A 35 9.15 -14.71 21.62
C ALA A 35 8.44 -13.40 21.97
N ARG A 36 8.71 -12.88 23.18
CA ARG A 36 8.14 -11.60 23.57
C ARG A 36 8.60 -10.41 22.65
N TYR A 37 9.89 -10.40 22.29
CA TYR A 37 10.38 -9.43 21.36
C TYR A 37 9.58 -9.49 20.08
N LEU A 38 9.38 -10.70 19.54
CA LEU A 38 8.66 -10.94 18.25
C LEU A 38 7.21 -10.55 18.40
N ARG A 39 6.58 -10.83 19.52
CA ARG A 39 5.26 -10.44 19.76
C ARG A 39 5.08 -8.93 19.75
N ILE A 40 6.01 -8.24 20.43
CA ILE A 40 6.02 -6.78 20.46
C ILE A 40 6.24 -6.17 19.05
N MET A 41 7.15 -6.77 18.35
CA MET A 41 7.44 -6.35 16.93
C MET A 41 6.20 -6.49 16.08
N MET A 42 5.53 -7.63 16.22
CA MET A 42 4.33 -7.90 15.42
C MET A 42 3.29 -6.84 15.70
N ASP A 43 2.99 -6.63 16.99
CA ASP A 43 1.99 -5.69 17.34
C ASP A 43 2.33 -4.31 16.91
N THR A 44 3.58 -3.92 17.10
CA THR A 44 3.95 -2.58 16.78
C THR A 44 3.96 -2.22 15.33
N THR A 45 4.27 -3.20 14.50
CA THR A 45 4.36 -3.04 13.05
C THR A 45 3.08 -3.39 12.27
N CYS A 46 2.26 -4.26 12.82
CA CYS A 46 1.02 -4.69 12.16
C CYS A 46 -0.24 -4.01 12.65
N LEU A 47 -0.28 -3.57 13.88
CA LEU A 47 -1.46 -2.94 14.44
C LEU A 47 -1.42 -1.41 14.44
N GLY A 48 -2.65 -0.85 14.48
CA GLY A 48 -2.87 0.55 14.67
C GLY A 48 -3.24 1.38 13.50
N GLY A 49 -3.07 0.83 12.29
CA GLY A 49 -3.71 1.36 11.09
C GLY A 49 -5.23 1.07 11.07
N LYS A 50 -5.89 1.34 9.92
CA LYS A 50 -7.34 1.15 9.83
C LYS A 50 -7.76 -0.21 9.23
N TYR A 51 -6.77 -0.99 8.82
CA TYR A 51 -6.99 -2.33 8.28
C TYR A 51 -7.81 -2.22 7.03
N PHE A 52 -7.58 -1.17 6.27
CA PHE A 52 -8.26 -1.06 4.99
C PHE A 52 -8.07 -2.29 4.07
N ARG A 53 -6.86 -2.72 3.92
CA ARG A 53 -6.50 -3.74 3.04
C ARG A 53 -7.14 -5.07 3.50
N GLY A 54 -6.83 -5.45 4.69
CA GLY A 54 -7.23 -6.78 5.14
C GLY A 54 -8.78 -6.81 5.27
N MET A 55 -9.46 -5.73 5.72
CA MET A 55 -10.86 -5.74 5.81
C MET A 55 -11.50 -5.71 4.44
N THR A 56 -10.84 -5.28 3.34
CA THR A 56 -11.48 -5.36 1.99
C THR A 56 -11.65 -6.88 1.70
N VAL A 57 -10.65 -7.68 2.03
CA VAL A 57 -10.81 -9.15 1.78
C VAL A 57 -12.13 -9.67 2.47
N VAL A 58 -12.35 -9.32 3.73
CA VAL A 58 -13.51 -9.70 4.51
C VAL A 58 -14.73 -9.15 3.82
N ASN A 59 -14.71 -7.88 3.43
CA ASN A 59 -15.92 -7.27 2.86
C ASN A 59 -16.33 -7.94 1.54
N VAL A 60 -15.37 -8.25 0.68
CA VAL A 60 -15.63 -8.95 -0.56
C VAL A 60 -16.24 -10.27 -0.24
N ALA A 61 -15.59 -11.03 0.65
CA ALA A 61 -16.20 -12.35 1.05
C ALA A 61 -17.62 -12.28 1.61
N GLU A 62 -17.85 -11.31 2.49
CA GLU A 62 -19.24 -11.01 3.08
C GLU A 62 -20.24 -10.77 1.95
N GLY A 63 -19.82 -10.08 0.89
CA GLY A 63 -20.73 -9.78 -0.18
C GLY A 63 -21.20 -11.04 -0.84
N PHE A 64 -20.29 -11.98 -1.10
CA PHE A 64 -20.62 -13.22 -1.79
C PHE A 64 -21.47 -14.12 -0.87
N LEU A 65 -21.16 -14.15 0.38
CA LEU A 65 -21.90 -14.93 1.32
C LEU A 65 -23.37 -14.56 1.29
N ALA A 66 -23.72 -13.31 1.06
CA ALA A 66 -25.08 -12.88 1.07
C ALA A 66 -25.85 -13.37 -0.14
N VAL A 67 -25.22 -13.95 -1.13
CA VAL A 67 -25.90 -14.39 -2.34
C VAL A 67 -25.67 -15.81 -2.69
N THR A 68 -24.94 -16.52 -1.86
CA THR A 68 -24.49 -17.83 -2.20
C THR A 68 -24.95 -18.81 -1.09
N GLN A 69 -25.44 -19.99 -1.45
CA GLN A 69 -25.93 -20.96 -0.48
C GLN A 69 -24.77 -21.74 0.11
N HIS A 70 -24.76 -21.78 1.44
CA HIS A 70 -23.71 -22.51 2.15
C HIS A 70 -24.30 -22.98 3.49
N ASP A 71 -23.74 -24.04 4.04
CA ASP A 71 -23.98 -24.38 5.42
C ASP A 71 -23.31 -23.30 6.28
N GLU A 72 -23.78 -23.18 7.52
CA GLU A 72 -23.25 -22.21 8.50
C GLU A 72 -21.77 -22.45 8.67
N ALA A 73 -21.33 -23.71 8.81
CA ALA A 73 -19.92 -23.99 9.02
C ALA A 73 -19.05 -23.52 7.90
N THR A 74 -19.63 -23.51 6.74
CA THR A 74 -18.88 -23.12 5.53
C THR A 74 -18.81 -21.61 5.51
N LYS A 75 -19.87 -20.92 5.93
CA LYS A 75 -19.81 -19.46 6.06
C LYS A 75 -18.71 -19.13 7.02
N GLU A 76 -18.64 -19.80 8.15
CA GLU A 76 -17.60 -19.48 9.11
C GLU A 76 -16.22 -19.74 8.58
N ARG A 77 -16.02 -20.85 7.88
CA ARG A 77 -14.74 -21.16 7.28
C ARG A 77 -14.30 -20.03 6.27
N ILE A 78 -15.24 -19.59 5.43
CA ILE A 78 -14.94 -18.62 4.39
C ILE A 78 -14.53 -17.34 5.15
N LEU A 79 -15.29 -16.98 6.15
CA LEU A 79 -14.96 -15.70 6.89
C LEU A 79 -13.65 -15.84 7.59
N HIS A 80 -13.36 -16.95 8.15
CA HIS A 80 -12.07 -17.11 8.82
C HIS A 80 -10.92 -17.04 7.77
N ASP A 81 -11.09 -17.69 6.64
CA ASP A 81 -10.06 -17.70 5.57
C ASP A 81 -9.92 -16.23 5.07
N ALA A 82 -10.98 -15.47 4.91
CA ALA A 82 -10.86 -14.07 4.50
C ALA A 82 -10.09 -13.25 5.51
N CYS A 83 -10.30 -13.52 6.77
CA CYS A 83 -9.52 -12.81 7.85
C CYS A 83 -8.07 -13.21 7.79
N VAL A 84 -7.72 -14.50 7.66
CA VAL A 84 -6.38 -14.93 7.56
C VAL A 84 -5.73 -14.28 6.31
N GLY A 85 -6.42 -14.38 5.20
CA GLY A 85 -5.92 -13.71 3.97
C GLY A 85 -5.66 -12.21 4.21
N GLY A 86 -6.59 -11.54 4.79
CA GLY A 86 -6.50 -10.09 5.08
C GLY A 86 -5.27 -9.81 5.91
N TRP A 87 -5.01 -10.65 6.92
CA TRP A 87 -3.79 -10.48 7.72
C TRP A 87 -2.56 -10.73 6.94
N MET A 88 -2.54 -11.64 5.99
CA MET A 88 -1.40 -11.83 5.13
C MET A 88 -1.11 -10.49 4.47
N ILE A 89 -2.12 -9.81 3.98
CA ILE A 89 -1.85 -8.56 3.28
C ILE A 89 -1.34 -7.51 4.32
N GLU A 90 -1.92 -7.46 5.47
CA GLU A 90 -1.50 -6.44 6.49
C GLU A 90 -0.03 -6.65 6.82
N PHE A 91 0.36 -7.93 7.05
CA PHE A 91 1.73 -8.25 7.38
C PHE A 91 2.66 -7.97 6.21
N LEU A 92 2.21 -8.17 4.96
CA LEU A 92 3.03 -7.80 3.79
C LEU A 92 3.22 -6.28 3.80
N GLN A 93 2.19 -5.54 4.12
CA GLN A 93 2.31 -4.03 4.19
C GLN A 93 3.30 -3.72 5.31
N ALA A 94 3.21 -4.36 6.45
CA ALA A 94 4.07 -4.12 7.59
C ALA A 94 5.51 -4.38 7.18
N HIS A 95 5.85 -5.41 6.40
CA HIS A 95 7.18 -5.70 5.86
C HIS A 95 7.63 -4.46 5.10
N TYR A 96 6.83 -4.07 4.12
CA TYR A 96 7.26 -2.92 3.33
C TYR A 96 7.40 -1.63 4.04
N LEU A 97 6.60 -1.36 5.07
CA LEU A 97 6.72 -0.10 5.82
C LEU A 97 7.95 -0.17 6.66
N VAL A 98 8.24 -1.27 7.31
CA VAL A 98 9.50 -1.36 8.10
C VAL A 98 10.73 -1.14 7.18
N GLU A 99 10.83 -1.84 6.06
CA GLU A 99 12.01 -1.76 5.19
C GLU A 99 12.09 -0.39 4.51
N ASP A 100 10.96 0.14 4.04
CA ASP A 100 10.93 1.49 3.42
C ASP A 100 11.37 2.57 4.42
N ASP A 101 10.91 2.47 5.67
CA ASP A 101 11.30 3.49 6.71
C ASP A 101 12.81 3.42 6.85
N ILE A 102 13.44 2.25 6.84
CA ILE A 102 14.94 2.16 7.01
C ILE A 102 15.53 2.72 5.76
N MET A 103 15.12 2.26 4.56
CA MET A 103 15.70 2.74 3.31
C MET A 103 15.63 4.27 3.18
N ASP A 104 14.54 4.89 3.64
CA ASP A 104 14.31 6.28 3.38
C ASP A 104 14.83 7.11 4.52
N GLY A 105 15.33 6.53 5.58
CA GLY A 105 15.67 7.29 6.77
C GLY A 105 14.53 8.03 7.44
N SER A 106 13.33 7.45 7.40
CA SER A 106 12.17 8.02 7.97
C SER A 106 12.28 8.13 9.45
N VAL A 107 11.51 9.06 10.04
CA VAL A 107 11.61 9.33 11.50
C VAL A 107 10.35 8.80 12.21
N MET A 108 9.19 9.16 11.69
CA MET A 108 7.96 8.75 12.22
C MET A 108 7.10 8.08 11.19
N ARG A 109 6.17 7.32 11.71
CA ARG A 109 5.08 6.75 10.94
C ARG A 109 3.88 6.60 11.84
N ARG A 110 2.68 7.03 11.40
CA ARG A 110 1.44 7.00 12.27
C ARG A 110 1.68 7.69 13.64
N GLY A 111 2.46 8.74 13.65
CA GLY A 111 2.63 9.47 14.93
C GLY A 111 3.47 8.77 15.97
N LYS A 112 4.18 7.69 15.60
CA LYS A 112 5.18 7.10 16.47
C LYS A 112 6.52 6.88 15.74
N PRO A 113 7.60 6.63 16.48
CA PRO A 113 8.89 6.38 15.82
C PRO A 113 8.76 5.14 14.88
N CYS A 114 9.45 5.26 13.79
CA CYS A 114 9.67 4.05 12.93
C CYS A 114 10.32 2.94 13.68
N TRP A 115 9.94 1.66 13.38
CA TRP A 115 10.38 0.54 14.23
C TRP A 115 11.88 0.57 14.40
N TYR A 116 12.65 0.77 13.36
CA TYR A 116 14.09 0.71 13.50
C TYR A 116 14.68 1.75 14.47
N ARG A 117 13.94 2.78 14.72
CA ARG A 117 14.35 3.80 15.67
C ARG A 117 14.09 3.48 17.06
N PHE A 118 13.33 2.42 17.40
CA PHE A 118 13.15 2.08 18.78
C PHE A 118 14.51 1.74 19.47
N PRO A 119 14.71 2.14 20.76
CA PRO A 119 16.07 2.01 21.28
C PRO A 119 16.67 0.61 21.31
N GLY A 120 15.82 -0.39 21.49
CA GLY A 120 16.26 -1.77 21.65
C GLY A 120 16.02 -2.58 20.35
N VAL A 121 15.76 -1.88 19.22
CA VAL A 121 15.64 -2.53 17.89
C VAL A 121 16.94 -2.32 17.13
N THR A 122 17.13 -1.15 16.61
CA THR A 122 18.27 -0.75 15.72
C THR A 122 18.07 -1.33 14.32
N THR A 123 18.75 -0.71 13.38
CA THR A 123 18.68 -1.15 12.01
C THR A 123 19.12 -2.64 11.90
N GLN A 124 20.12 -3.05 12.63
CA GLN A 124 20.62 -4.37 12.53
C GLN A 124 19.47 -5.37 12.71
N CYS A 125 18.64 -5.21 13.71
CA CYS A 125 17.53 -6.12 13.96
C CYS A 125 16.35 -5.83 13.03
N ALA A 126 16.05 -4.55 12.79
CA ALA A 126 14.83 -4.15 12.11
C ALA A 126 14.76 -4.67 10.67
N ILE A 127 15.90 -4.67 9.99
CA ILE A 127 15.96 -5.25 8.61
C ILE A 127 15.44 -6.67 8.71
N ASN A 128 16.04 -7.46 9.61
CA ASN A 128 15.62 -8.87 9.74
C ASN A 128 14.20 -8.99 10.23
N ASP A 129 13.72 -8.13 11.15
CA ASP A 129 12.33 -8.17 11.63
C ASP A 129 11.39 -8.00 10.44
N GLY A 130 11.75 -7.11 9.55
CA GLY A 130 10.89 -6.92 8.35
C GLY A 130 10.87 -8.10 7.45
N ILE A 131 12.00 -8.77 7.37
CA ILE A 131 12.09 -10.11 6.68
C ILE A 131 11.09 -11.09 7.29
N ILE A 132 11.11 -11.21 8.61
CA ILE A 132 10.29 -12.10 9.31
C ILE A 132 8.87 -11.80 9.06
N LEU A 133 8.44 -10.53 9.03
CA LEU A 133 7.07 -10.15 8.79
C LEU A 133 6.57 -10.73 7.47
N LYS A 134 7.41 -10.66 6.41
CA LYS A 134 6.93 -11.27 5.16
C LYS A 134 6.95 -12.79 5.26
N SER A 135 7.94 -13.37 5.93
CA SER A 135 7.96 -14.84 6.11
C SER A 135 6.72 -15.31 6.80
N TRP A 136 6.26 -14.57 7.79
CA TRP A 136 5.01 -14.96 8.44
C TRP A 136 3.81 -15.06 7.55
N THR A 137 3.73 -14.21 6.51
CA THR A 137 2.60 -14.36 5.56
C THR A 137 2.59 -15.72 4.94
N GLN A 138 3.73 -16.31 4.66
CA GLN A 138 3.78 -17.62 4.03
C GLN A 138 3.44 -18.66 5.07
N ILE A 139 3.94 -18.48 6.30
CA ILE A 139 3.66 -19.47 7.32
C ILE A 139 2.17 -19.54 7.53
N MET A 140 1.49 -18.39 7.60
CA MET A 140 0.04 -18.38 7.75
C MET A 140 -0.62 -19.15 6.62
N ALA A 141 -0.23 -18.82 5.40
CA ALA A 141 -0.90 -19.43 4.23
C ALA A 141 -0.78 -21.03 4.26
N TRP A 142 0.45 -21.49 4.51
CA TRP A 142 0.68 -22.92 4.43
C TRP A 142 -0.09 -23.60 5.59
N HIS A 143 -0.15 -22.96 6.75
CA HIS A 143 -0.89 -23.61 7.84
C HIS A 143 -2.37 -23.56 7.65
N TYR A 144 -2.99 -22.45 7.36
CA TYR A 144 -4.43 -22.23 7.39
C TYR A 144 -5.04 -22.73 6.08
N PHE A 145 -4.27 -22.65 4.99
CA PHE A 145 -4.83 -22.99 3.66
C PHE A 145 -4.35 -24.25 3.07
N ALA A 146 -3.63 -25.06 3.85
CA ALA A 146 -3.04 -26.29 3.30
C ALA A 146 -3.95 -27.14 2.44
N ASP A 147 -5.16 -27.36 2.89
CA ASP A 147 -6.01 -28.24 2.12
C ASP A 147 -6.94 -27.47 1.16
N ARG A 148 -6.76 -26.15 1.04
CA ARG A 148 -7.74 -25.38 0.28
C ARG A 148 -7.54 -25.43 -1.21
N PRO A 149 -8.63 -25.41 -2.00
CA PRO A 149 -8.45 -25.46 -3.45
C PRO A 149 -7.77 -24.27 -4.05
N PHE A 150 -7.86 -23.15 -3.34
CA PHE A 150 -7.37 -21.88 -3.81
C PHE A 150 -5.91 -21.67 -3.39
N LEU A 151 -5.27 -22.58 -2.70
CA LEU A 151 -3.90 -22.39 -2.28
C LEU A 151 -2.93 -21.99 -3.33
N LYS A 152 -2.90 -22.74 -4.40
CA LYS A 152 -1.95 -22.52 -5.47
C LYS A 152 -2.13 -21.12 -6.03
N ASP A 153 -3.35 -20.81 -6.45
CA ASP A 153 -3.67 -19.49 -7.03
C ASP A 153 -3.31 -18.36 -6.08
N LEU A 154 -3.70 -18.53 -4.81
CA LEU A 154 -3.40 -17.49 -3.79
C LEU A 154 -1.92 -17.31 -3.66
N LEU A 155 -1.14 -18.37 -3.46
CA LEU A 155 0.33 -18.17 -3.34
C LEU A 155 0.93 -17.56 -4.57
N CYS A 156 0.49 -17.94 -5.77
CA CYS A 156 1.08 -17.41 -6.99
C CYS A 156 0.75 -15.89 -7.11
N LEU A 157 -0.44 -15.53 -6.83
CA LEU A 157 -0.95 -14.13 -6.83
C LEU A 157 -0.13 -13.31 -5.83
N PHE A 158 0.02 -13.88 -4.61
CA PHE A 158 0.71 -13.12 -3.59
C PHE A 158 2.15 -12.83 -4.02
N GLN A 159 2.78 -13.81 -4.63
N GLN A 159 2.85 -13.81 -4.61
CA GLN A 159 4.15 -13.79 -5.04
CA GLN A 159 4.24 -13.66 -5.09
C GLN A 159 4.39 -12.71 -6.12
C GLN A 159 4.29 -12.50 -6.06
N LYS A 160 3.44 -12.61 -7.06
CA LYS A 160 3.49 -11.60 -8.10
C LYS A 160 3.24 -10.23 -7.53
N VAL A 161 2.28 -10.06 -6.62
CA VAL A 161 2.03 -8.80 -6.02
C VAL A 161 3.25 -8.33 -5.23
N ASP A 162 3.87 -9.21 -4.44
CA ASP A 162 5.08 -8.85 -3.71
C ASP A 162 6.18 -8.39 -4.61
N TYR A 163 6.45 -9.13 -5.67
CA TYR A 163 7.47 -8.77 -6.60
C TYR A 163 7.12 -7.46 -7.29
N ALA A 164 5.89 -7.26 -7.73
CA ALA A 164 5.45 -5.95 -8.32
C ALA A 164 5.83 -4.78 -7.35
N THR A 165 5.60 -4.99 -6.05
CA THR A 165 5.73 -3.97 -5.05
C THR A 165 7.23 -3.63 -4.98
N ALA A 166 8.08 -4.64 -4.85
CA ALA A 166 9.53 -4.45 -4.82
C ALA A 166 10.02 -3.72 -6.04
N VAL A 167 9.47 -4.08 -7.20
CA VAL A 167 9.86 -3.33 -8.42
C VAL A 167 9.37 -1.90 -8.36
N GLY A 168 8.23 -1.65 -7.75
CA GLY A 168 7.74 -0.30 -7.53
C GLY A 168 8.62 0.51 -6.61
N GLN A 169 9.17 -0.18 -5.60
CA GLN A 169 10.02 0.50 -4.68
C GLN A 169 11.24 1.01 -5.40
N MET A 170 11.84 0.18 -6.25
CA MET A 170 12.94 0.66 -7.09
C MET A 170 12.54 1.83 -7.95
N TYR A 171 11.41 1.70 -8.64
CA TYR A 171 10.94 2.81 -9.49
C TYR A 171 10.92 4.12 -8.66
N ASP A 172 10.43 4.07 -7.42
CA ASP A 172 10.23 5.23 -6.54
C ASP A 172 11.61 5.81 -6.13
N VAL A 173 12.51 4.97 -5.67
CA VAL A 173 13.73 5.49 -5.00
C VAL A 173 14.63 6.01 -6.08
N THR A 174 14.43 5.60 -7.34
CA THR A 174 15.29 6.03 -8.51
C THR A 174 14.56 7.08 -9.36
N SER A 175 13.49 7.64 -8.87
CA SER A 175 12.63 8.53 -9.69
C SER A 175 13.20 9.94 -9.87
N MET A 176 14.22 10.31 -9.11
CA MET A 176 14.86 11.65 -9.20
C MET A 176 16.20 11.52 -9.83
N CYS A 177 16.55 10.38 -10.37
CA CYS A 177 17.81 10.16 -11.11
C CYS A 177 17.53 10.13 -12.59
N ASP A 178 18.52 10.47 -13.42
CA ASP A 178 18.34 10.27 -14.87
C ASP A 178 18.55 8.82 -15.19
N SER A 179 17.61 8.16 -15.89
CA SER A 179 17.70 6.77 -16.18
C SER A 179 18.96 6.36 -16.87
N ASN A 180 19.40 7.18 -17.80
CA ASN A 180 20.62 6.84 -18.55
C ASN A 180 21.91 6.87 -17.69
N LYS A 181 21.88 7.48 -16.52
CA LYS A 181 23.06 7.55 -15.68
C LYS A 181 23.07 6.48 -14.55
N LEU A 182 22.00 5.67 -14.44
CA LEU A 182 21.95 4.63 -13.37
C LEU A 182 23.10 3.71 -13.61
N ASP A 183 23.87 3.39 -12.55
CA ASP A 183 25.09 2.70 -12.64
C ASP A 183 25.58 2.38 -11.23
N PRO A 184 25.61 1.10 -10.89
CA PRO A 184 26.11 0.74 -9.57
C PRO A 184 27.47 1.27 -9.21
N GLU A 185 28.28 1.47 -10.25
CA GLU A 185 29.63 1.98 -10.03
C GLU A 185 29.72 3.46 -9.72
N VAL A 186 28.69 4.26 -10.00
CA VAL A 186 28.81 5.72 -9.94
C VAL A 186 27.77 6.36 -9.05
N ALA A 187 28.18 7.20 -8.09
CA ALA A 187 27.24 7.82 -7.23
C ALA A 187 26.24 8.60 -8.04
N GLN A 188 24.94 8.51 -7.69
CA GLN A 188 23.89 9.04 -8.57
C GLN A 188 23.53 10.47 -8.29
N PRO A 189 23.65 11.32 -9.36
CA PRO A 189 23.25 12.70 -9.13
C PRO A 189 21.77 12.90 -9.29
N MET A 190 21.21 13.86 -8.61
CA MET A 190 19.81 14.30 -8.91
C MET A 190 19.70 14.76 -10.36
N THR A 191 18.56 14.48 -10.99
CA THR A 191 18.26 15.11 -12.31
C THR A 191 18.33 16.61 -12.17
N THR A 192 18.80 17.17 -13.26
CA THR A 192 18.74 18.62 -13.36
C THR A 192 17.72 19.01 -14.36
N ASP A 193 17.39 18.17 -15.37
CA ASP A 193 16.33 18.54 -16.37
C ASP A 193 14.91 18.23 -15.96
N PHE A 194 14.70 17.28 -15.03
CA PHE A 194 13.37 16.81 -14.64
C PHE A 194 12.57 16.28 -15.82
N ALA A 195 13.24 15.82 -16.84
CA ALA A 195 12.59 15.23 -18.05
C ALA A 195 11.84 13.98 -17.86
N GLU A 196 12.25 13.23 -16.84
CA GLU A 196 11.45 12.10 -16.45
C GLU A 196 10.35 12.36 -15.42
N PHE A 197 10.00 13.61 -15.07
CA PHE A 197 8.82 13.93 -14.25
C PHE A 197 7.63 14.11 -15.16
N THR A 198 7.13 12.98 -15.68
CA THR A 198 6.01 13.02 -16.62
C THR A 198 4.80 12.28 -15.96
N PRO A 199 3.55 12.46 -16.49
CA PRO A 199 2.43 11.65 -16.04
C PRO A 199 2.65 10.16 -16.27
N ALA A 200 3.23 9.75 -17.37
CA ALA A 200 3.38 8.30 -17.61
C ALA A 200 4.37 7.65 -16.71
N ILE A 201 5.44 8.39 -16.36
CA ILE A 201 6.46 7.84 -15.50
C ILE A 201 5.95 7.82 -14.07
N TYR A 202 5.36 8.90 -13.62
CA TYR A 202 4.57 8.88 -12.40
C TYR A 202 3.62 7.69 -12.26
N LYS A 203 2.81 7.50 -13.24
CA LYS A 203 1.85 6.38 -13.25
C LYS A 203 2.55 5.04 -13.04
N ARG A 204 3.69 4.84 -13.62
CA ARG A 204 4.42 3.57 -13.45
C ARG A 204 4.86 3.42 -12.06
N ILE A 205 5.43 4.45 -11.46
CA ILE A 205 5.88 4.33 -10.08
C ILE A 205 4.73 3.86 -9.20
N VAL A 206 3.61 4.56 -9.29
CA VAL A 206 2.50 4.42 -8.38
C VAL A 206 1.79 3.09 -8.61
N LYS A 207 1.66 2.70 -9.89
CA LYS A 207 1.05 1.44 -10.19
C LYS A 207 1.72 0.34 -9.41
N TYR A 208 3.04 0.27 -9.52
CA TYR A 208 3.80 -0.84 -8.97
C TYR A 208 4.01 -0.68 -7.50
N LYS A 209 4.31 0.52 -7.08
CA LYS A 209 4.71 0.68 -5.68
C LYS A 209 3.57 0.45 -4.65
N THR A 210 2.33 0.67 -5.05
CA THR A 210 1.22 0.63 -4.10
C THR A 210 -0.01 -0.12 -4.60
N THR A 211 -0.36 0.03 -5.89
CA THR A 211 -1.69 -0.41 -6.32
C THR A 211 -1.90 -1.89 -6.23
N PHE A 212 -0.84 -2.66 -6.49
CA PHE A 212 -0.94 -4.13 -6.48
C PHE A 212 -1.26 -4.64 -5.13
N TYR A 213 -0.57 -4.18 -4.09
CA TYR A 213 -0.80 -4.73 -2.74
C TYR A 213 -1.96 -4.03 -2.00
N THR A 214 -2.28 -2.79 -2.41
CA THR A 214 -3.27 -2.06 -1.67
C THR A 214 -4.68 -2.27 -2.25
N TYR A 215 -4.78 -2.49 -3.54
CA TYR A 215 -6.05 -2.68 -4.18
C TYR A 215 -6.18 -3.99 -4.90
N LEU A 216 -5.28 -4.40 -5.77
CA LEU A 216 -5.48 -5.62 -6.49
C LEU A 216 -5.53 -6.81 -5.56
N LEU A 217 -4.62 -6.91 -4.62
CA LEU A 217 -4.50 -8.11 -3.84
C LEU A 217 -5.70 -8.30 -2.92
N PRO A 218 -6.20 -7.27 -2.20
CA PRO A 218 -7.41 -7.43 -1.36
C PRO A 218 -8.57 -7.84 -2.16
N LEU A 219 -8.73 -7.27 -3.35
CA LEU A 219 -9.96 -7.64 -4.12
C LEU A 219 -9.89 -9.05 -4.60
N VAL A 220 -8.80 -9.42 -5.19
CA VAL A 220 -8.58 -10.77 -5.72
C VAL A 220 -8.48 -11.86 -4.66
N MET A 221 -7.87 -11.54 -3.55
CA MET A 221 -7.88 -12.51 -2.43
C MET A 221 -9.32 -12.75 -1.95
N GLY A 222 -10.20 -11.75 -1.86
CA GLY A 222 -11.59 -11.94 -1.50
C GLY A 222 -12.30 -12.84 -2.48
N LEU A 223 -12.02 -12.62 -3.78
CA LEU A 223 -12.53 -13.57 -4.80
C LEU A 223 -12.02 -14.99 -4.58
N LEU A 224 -10.76 -15.17 -4.28
CA LEU A 224 -10.21 -16.51 -4.14
C LEU A 224 -10.78 -17.28 -2.95
N VAL A 225 -10.90 -16.63 -1.81
CA VAL A 225 -11.38 -17.35 -0.59
C VAL A 225 -12.85 -17.62 -0.70
N SER A 226 -13.51 -16.93 -1.60
CA SER A 226 -14.91 -17.12 -1.89
C SER A 226 -15.16 -18.08 -3.05
N GLU A 227 -14.11 -18.54 -3.68
CA GLU A 227 -14.30 -19.43 -4.87
C GLU A 227 -15.13 -18.77 -5.89
N ALA A 228 -14.86 -17.47 -6.15
CA ALA A 228 -15.74 -16.60 -6.96
C ALA A 228 -15.00 -15.96 -8.08
N ALA A 229 -13.82 -16.44 -8.41
CA ALA A 229 -13.04 -15.76 -9.45
C ALA A 229 -13.76 -15.86 -10.80
N ALA A 230 -14.65 -16.82 -11.01
CA ALA A 230 -15.50 -16.80 -12.26
C ALA A 230 -16.70 -15.84 -12.30
N SER A 231 -16.97 -15.09 -11.24
CA SER A 231 -17.95 -14.02 -11.22
C SER A 231 -17.44 -12.68 -11.70
N VAL A 232 -16.19 -12.68 -12.20
CA VAL A 232 -15.55 -11.45 -12.64
C VAL A 232 -14.78 -11.64 -13.85
N GLU A 233 -14.69 -10.56 -14.60
CA GLU A 233 -13.71 -10.42 -15.64
C GLU A 233 -12.38 -9.89 -15.04
N MET A 234 -11.34 -10.72 -14.94
CA MET A 234 -10.18 -10.28 -14.19
C MET A 234 -9.45 -9.05 -14.73
N ASN A 235 -9.45 -8.87 -16.08
CA ASN A 235 -8.93 -7.68 -16.63
C ASN A 235 -9.60 -6.41 -16.09
N LEU A 236 -10.90 -6.44 -15.86
CA LEU A 236 -11.59 -5.32 -15.28
C LEU A 236 -11.16 -5.08 -13.86
N VAL A 237 -10.95 -6.14 -13.10
CA VAL A 237 -10.58 -5.96 -11.71
C VAL A 237 -9.21 -5.31 -11.63
N GLU A 238 -8.28 -5.73 -12.47
CA GLU A 238 -6.94 -5.14 -12.47
C GLU A 238 -6.99 -3.67 -12.92
N ARG A 239 -7.86 -3.35 -13.88
CA ARG A 239 -8.03 -1.96 -14.35
C ARG A 239 -8.54 -1.08 -13.26
N VAL A 240 -9.53 -1.55 -12.52
CA VAL A 240 -10.11 -0.72 -11.51
C VAL A 240 -9.20 -0.56 -10.35
N ALA A 241 -8.51 -1.65 -10.04
CA ALA A 241 -7.55 -1.59 -8.94
C ALA A 241 -6.46 -0.57 -9.22
N HIS A 242 -5.98 -0.50 -10.45
CA HIS A 242 -4.87 0.40 -10.72
C HIS A 242 -5.35 1.82 -10.76
N LEU A 243 -6.56 2.01 -11.27
CA LEU A 243 -7.19 3.35 -11.31
C LEU A 243 -7.42 3.91 -9.91
N ILE A 244 -8.10 3.15 -9.04
CA ILE A 244 -8.27 3.63 -7.70
C ILE A 244 -6.97 3.83 -6.89
N GLY A 245 -6.06 2.90 -7.11
CA GLY A 245 -4.75 2.95 -6.38
C GLY A 245 -3.97 4.18 -6.82
N GLU A 246 -4.04 4.58 -8.08
CA GLU A 246 -3.39 5.83 -8.51
C GLU A 246 -3.90 7.05 -7.75
N TYR A 247 -5.20 7.16 -7.70
CA TYR A 247 -5.84 8.21 -6.97
C TYR A 247 -5.49 8.25 -5.51
N PHE A 248 -5.48 7.06 -4.88
CA PHE A 248 -4.97 6.89 -3.52
C PHE A 248 -3.64 7.61 -3.35
N GLN A 249 -2.73 7.34 -4.26
CA GLN A 249 -1.35 7.83 -4.17
C GLN A 249 -1.29 9.34 -4.40
N VAL A 250 -2.14 9.82 -5.28
CA VAL A 250 -2.20 11.25 -5.53
C VAL A 250 -2.61 11.94 -4.28
N GLN A 251 -3.64 11.44 -3.61
CA GLN A 251 -4.01 11.96 -2.32
C GLN A 251 -2.86 11.93 -1.32
N ASP A 252 -2.12 10.82 -1.22
N ASP A 252 -2.13 10.81 -1.24
CA ASP A 252 -0.97 10.76 -0.31
CA ASP A 252 -0.97 10.74 -0.35
C ASP A 252 0.14 11.77 -0.69
C ASP A 252 0.10 11.78 -0.70
N ASP A 253 0.35 11.98 -1.98
CA ASP A 253 1.32 12.99 -2.41
C ASP A 253 0.88 14.40 -2.01
N VAL A 254 -0.34 14.75 -2.25
CA VAL A 254 -0.81 16.09 -1.81
C VAL A 254 -0.76 16.21 -0.29
N MET A 255 -1.09 15.17 0.43
CA MET A 255 -1.09 15.27 1.94
C MET A 255 0.34 15.46 2.49
N ASP A 256 1.34 14.81 1.86
CA ASP A 256 2.76 14.92 2.26
C ASP A 256 3.26 16.37 2.27
N CYS A 257 2.75 17.13 1.31
CA CYS A 257 3.18 18.51 1.17
C CYS A 257 2.27 19.41 2.06
N PHE A 258 0.95 19.17 2.05
CA PHE A 258 -0.01 20.17 2.64
C PHE A 258 -0.74 19.80 3.91
N THR A 259 -0.73 18.53 4.34
CA THR A 259 -1.42 18.11 5.58
C THR A 259 -0.46 18.41 6.77
N PRO A 260 -0.91 19.20 7.78
CA PRO A 260 -0.18 19.36 9.05
C PRO A 260 0.45 18.05 9.60
N PRO A 261 1.75 18.10 9.96
CA PRO A 261 2.38 16.89 10.53
C PRO A 261 1.58 16.11 11.62
N GLU A 262 0.92 16.80 12.56
CA GLU A 262 0.12 16.11 13.62
C GLU A 262 -1.00 15.22 13.03
N GLN A 263 -1.67 15.70 11.97
CA GLN A 263 -2.69 14.90 11.27
C GLN A 263 -2.01 13.90 10.35
N LEU A 264 -0.95 14.32 9.66
CA LEU A 264 -0.19 13.39 8.82
C LEU A 264 0.44 12.13 9.52
N GLY A 265 0.69 12.20 10.83
CA GLY A 265 1.46 11.19 11.57
C GLY A 265 3.00 11.24 11.32
N LYS A 266 3.45 12.33 10.70
CA LYS A 266 4.66 12.37 9.90
C LYS A 266 5.06 13.83 9.61
N VAL A 267 6.37 14.12 9.56
CA VAL A 267 6.86 15.37 8.88
C VAL A 267 7.07 14.94 7.42
N GLY A 268 6.35 15.57 6.46
CA GLY A 268 6.46 15.18 5.03
C GLY A 268 7.76 15.76 4.44
N THR A 269 8.59 14.91 3.77
CA THR A 269 9.83 15.35 3.11
C THR A 269 9.93 15.08 1.59
N ASP A 270 8.81 14.94 0.87
CA ASP A 270 8.87 14.62 -0.58
C ASP A 270 9.69 15.66 -1.40
N ILE A 271 9.59 16.92 -0.98
CA ILE A 271 10.23 17.97 -1.73
C ILE A 271 11.74 17.89 -1.52
N GLU A 272 12.16 17.72 -0.27
CA GLU A 272 13.60 17.64 0.03
C GLU A 272 14.20 16.40 -0.56
N ASP A 273 13.40 15.33 -0.55
CA ASP A 273 13.82 14.06 -1.16
C ASP A 273 13.76 14.05 -2.69
N ALA A 274 13.26 15.13 -3.34
CA ALA A 274 13.11 15.23 -4.81
C ALA A 274 12.24 14.14 -5.44
N LYS A 275 11.22 13.79 -4.72
CA LYS A 275 10.33 12.73 -5.20
C LYS A 275 9.55 13.19 -6.43
N CYS A 276 9.29 12.18 -7.25
CA CYS A 276 8.47 12.38 -8.40
C CYS A 276 7.03 12.32 -7.91
N SER A 277 6.49 13.43 -7.40
CA SER A 277 5.18 13.47 -6.77
C SER A 277 4.19 14.01 -7.81
N TRP A 278 2.88 13.76 -7.59
CA TRP A 278 1.88 14.32 -8.46
C TRP A 278 1.98 15.87 -8.56
N LEU A 279 2.30 16.48 -7.43
CA LEU A 279 2.39 17.97 -7.34
C LEU A 279 3.51 18.44 -8.29
N ALA A 280 4.69 17.82 -8.19
CA ALA A 280 5.76 18.16 -9.07
C ALA A 280 5.50 17.91 -10.54
N VAL A 281 4.96 16.75 -10.93
CA VAL A 281 4.66 16.48 -12.29
C VAL A 281 3.54 17.46 -12.82
N THR A 282 2.50 17.71 -12.03
CA THR A 282 1.38 18.57 -12.43
C THR A 282 1.91 20.00 -12.56
N PHE A 283 2.79 20.38 -11.64
CA PHE A 283 3.33 21.76 -11.66
C PHE A 283 4.17 21.92 -12.96
N LEU A 284 5.01 20.93 -13.25
CA LEU A 284 5.87 21.02 -14.41
C LEU A 284 5.05 21.02 -15.74
N GLY A 285 3.87 20.37 -15.73
CA GLY A 285 2.99 20.31 -16.85
C GLY A 285 2.30 21.61 -17.19
N LYS A 286 2.34 22.57 -16.27
CA LYS A 286 1.68 23.87 -16.57
C LYS A 286 2.51 25.13 -16.38
N ALA A 287 3.73 24.98 -15.86
CA ALA A 287 4.57 26.08 -15.46
C ALA A 287 5.09 26.79 -16.70
N ASN A 288 5.38 28.10 -16.57
CA ASN A 288 6.14 28.78 -17.61
C ASN A 288 7.61 28.61 -17.39
N ALA A 289 8.46 29.16 -18.30
CA ALA A 289 9.89 28.98 -18.22
C ALA A 289 10.44 29.49 -16.90
N ALA A 290 10.02 30.65 -16.47
CA ALA A 290 10.67 31.16 -15.30
C ALA A 290 10.28 30.37 -14.05
N GLN A 291 9.04 29.85 -13.97
CA GLN A 291 8.57 29.01 -12.84
C GLN A 291 9.32 27.68 -12.77
N VAL A 292 9.55 27.10 -13.96
CA VAL A 292 10.38 25.89 -14.11
C VAL A 292 11.73 26.15 -13.52
N ALA A 293 12.37 27.24 -13.92
CA ALA A 293 13.74 27.52 -13.46
C ALA A 293 13.82 27.74 -11.96
N GLU A 294 12.79 28.32 -11.41
CA GLU A 294 12.69 28.55 -9.96
C GLU A 294 12.47 27.20 -9.21
N PHE A 295 11.62 26.38 -9.80
CA PHE A 295 11.44 24.99 -9.28
C PHE A 295 12.80 24.24 -9.31
N LYS A 296 13.51 24.31 -10.42
CA LYS A 296 14.83 23.60 -10.52
C LYS A 296 15.86 24.09 -9.50
N ALA A 297 15.86 25.41 -9.26
CA ALA A 297 16.85 25.94 -8.27
C ALA A 297 16.51 25.64 -6.82
N ASN A 298 15.29 25.14 -6.57
CA ASN A 298 14.81 24.97 -5.21
C ASN A 298 14.45 23.53 -4.86
N TYR A 299 14.23 22.65 -5.84
CA TYR A 299 13.70 21.32 -5.48
C TYR A 299 14.81 20.38 -5.02
N GLY A 300 14.46 19.48 -4.11
CA GLY A 300 15.33 18.38 -3.70
C GLY A 300 16.47 18.87 -2.79
N GLU A 301 16.22 19.93 -2.02
CA GLU A 301 17.17 20.54 -1.08
C GLU A 301 16.60 20.56 0.31
N LYS A 302 17.48 20.34 1.28
CA LYS A 302 17.10 20.26 2.68
C LYS A 302 16.77 21.63 3.24
N ASP A 303 17.35 22.66 2.67
CA ASP A 303 17.09 24.02 3.15
C ASP A 303 15.59 24.33 3.24
N PRO A 304 15.08 24.62 4.46
CA PRO A 304 13.69 24.99 4.61
C PRO A 304 13.21 26.19 3.85
N ALA A 305 14.06 27.15 3.57
CA ALA A 305 13.66 28.30 2.71
C ALA A 305 13.38 27.90 1.23
N LYS A 306 14.18 26.98 0.70
CA LYS A 306 14.00 26.42 -0.66
C LYS A 306 12.73 25.54 -0.69
N VAL A 307 12.54 24.72 0.37
CA VAL A 307 11.28 23.95 0.50
C VAL A 307 10.10 24.92 0.48
N ALA A 308 10.21 26.06 1.19
CA ALA A 308 9.08 27.00 1.24
C ALA A 308 8.84 27.62 -0.14
N VAL A 309 9.91 27.89 -0.90
CA VAL A 309 9.85 28.37 -2.29
C VAL A 309 9.07 27.40 -3.23
N VAL A 310 9.29 26.09 -3.05
CA VAL A 310 8.57 25.10 -3.85
C VAL A 310 7.08 25.04 -3.46
N LYS A 311 6.78 25.10 -2.16
CA LYS A 311 5.35 25.07 -1.73
C LYS A 311 4.58 26.31 -2.22
N ARG A 312 5.22 27.47 -2.07
CA ARG A 312 4.71 28.73 -2.66
C ARG A 312 4.48 28.59 -4.17
N LEU A 313 5.42 27.97 -4.88
CA LEU A 313 5.23 27.80 -6.33
C LEU A 313 3.99 26.91 -6.64
N TYR A 314 3.82 25.82 -5.90
CA TYR A 314 2.64 24.97 -6.07
C TYR A 314 1.35 25.72 -5.80
N SER A 315 1.26 26.41 -4.65
CA SER A 315 0.06 27.26 -4.27
C SER A 315 -0.22 28.32 -5.32
N LYS A 316 0.78 29.08 -5.77
CA LYS A 316 0.56 30.06 -6.89
C LYS A 316 0.05 29.43 -8.17
N ALA A 317 0.35 28.15 -8.40
CA ALA A 317 -0.01 27.46 -9.61
C ALA A 317 -1.43 26.84 -9.56
N ASN A 318 -2.10 26.97 -8.42
CA ASN A 318 -3.46 26.53 -8.22
C ASN A 318 -3.59 25.05 -8.69
N LEU A 319 -2.73 24.23 -8.12
CA LEU A 319 -2.82 22.80 -8.30
C LEU A 319 -4.11 22.20 -7.74
N GLN A 320 -4.75 22.86 -6.75
CA GLN A 320 -6.11 22.46 -6.32
C GLN A 320 -7.07 22.26 -7.49
N ALA A 321 -7.04 23.16 -8.46
CA ALA A 321 -7.91 23.00 -9.65
C ALA A 321 -7.48 21.84 -10.56
N ASP A 322 -6.18 21.57 -10.68
CA ASP A 322 -5.80 20.41 -11.49
C ASP A 322 -6.28 19.15 -10.76
N PHE A 323 -6.21 19.20 -9.44
CA PHE A 323 -6.57 18.03 -8.61
C PHE A 323 -8.08 17.75 -8.72
N ALA A 324 -8.88 18.80 -8.64
CA ALA A 324 -10.34 18.65 -8.77
C ALA A 324 -10.69 18.05 -10.12
N ALA A 325 -9.98 18.44 -11.16
CA ALA A 325 -10.20 17.97 -12.49
C ALA A 325 -9.75 16.52 -12.61
N TYR A 326 -8.63 16.16 -11.95
CA TYR A 326 -8.17 14.74 -11.94
C TYR A 326 -9.24 13.85 -11.23
N GLU A 327 -9.66 14.29 -10.08
CA GLU A 327 -10.70 13.61 -9.24
C GLU A 327 -11.95 13.41 -10.06
N ALA A 328 -12.42 14.45 -10.72
CA ALA A 328 -13.57 14.24 -11.58
C ALA A 328 -13.46 13.18 -12.67
N GLU A 329 -12.34 13.15 -13.36
CA GLU A 329 -12.07 12.16 -14.37
C GLU A 329 -11.96 10.75 -13.71
N VAL A 330 -11.26 10.62 -12.60
CA VAL A 330 -11.26 9.33 -11.85
C VAL A 330 -12.71 8.89 -11.47
N VAL A 331 -13.45 9.79 -10.81
CA VAL A 331 -14.82 9.50 -10.31
C VAL A 331 -15.65 8.98 -11.47
N ARG A 332 -15.47 9.60 -12.63
CA ARG A 332 -16.10 9.15 -13.88
C ARG A 332 -15.66 7.76 -14.41
N GLU A 333 -14.33 7.48 -14.48
CA GLU A 333 -13.74 6.24 -14.97
C GLU A 333 -14.08 5.07 -14.01
N VAL A 334 -14.12 5.40 -12.74
CA VAL A 334 -14.36 4.35 -11.70
C VAL A 334 -15.80 3.93 -11.78
N GLU A 335 -16.69 4.91 -11.93
CA GLU A 335 -18.09 4.64 -12.18
C GLU A 335 -18.31 3.76 -13.45
N SER A 336 -17.51 3.95 -14.52
CA SER A 336 -17.62 3.21 -15.76
C SER A 336 -17.25 1.76 -15.56
N LEU A 337 -16.11 1.59 -14.88
CA LEU A 337 -15.70 0.28 -14.53
C LEU A 337 -16.61 -0.50 -13.57
N ILE A 338 -17.19 0.18 -12.60
CA ILE A 338 -18.19 -0.44 -11.73
C ILE A 338 -19.34 -0.94 -12.55
N GLU A 339 -19.78 -0.11 -13.50
CA GLU A 339 -20.88 -0.61 -14.34
C GLU A 339 -20.52 -1.81 -15.18
N GLN A 340 -19.30 -1.87 -15.71
CA GLN A 340 -18.89 -3.01 -16.47
C GLN A 340 -18.84 -4.28 -15.54
N LEU A 341 -18.49 -4.06 -14.29
CA LEU A 341 -18.35 -5.18 -13.34
C LEU A 341 -19.67 -5.76 -13.01
N LYS A 342 -20.72 -4.95 -13.04
CA LYS A 342 -22.09 -5.44 -12.79
C LYS A 342 -22.65 -6.47 -13.78
N VAL A 343 -22.13 -6.54 -15.01
CA VAL A 343 -22.53 -7.52 -16.06
C VAL A 343 -22.39 -8.93 -15.48
N LYS A 344 -21.28 -9.17 -14.82
CA LYS A 344 -21.04 -10.47 -14.18
C LYS A 344 -21.41 -10.57 -12.73
N SER A 345 -21.29 -9.52 -11.93
CA SER A 345 -21.55 -9.60 -10.48
C SER A 345 -21.83 -8.27 -9.92
N PRO A 346 -23.13 -7.97 -9.80
CA PRO A 346 -23.56 -6.90 -8.94
C PRO A 346 -22.89 -6.87 -7.58
N THR A 347 -22.81 -8.03 -6.90
CA THR A 347 -22.11 -8.17 -5.65
C THR A 347 -20.71 -7.58 -5.65
N PHE A 348 -19.91 -8.13 -6.52
CA PHE A 348 -18.50 -7.73 -6.60
C PHE A 348 -18.46 -6.24 -6.93
N ALA A 349 -19.33 -5.79 -7.82
CA ALA A 349 -19.32 -4.36 -8.21
C ALA A 349 -19.58 -3.48 -7.02
N GLU A 350 -20.52 -3.90 -6.18
CA GLU A 350 -20.83 -3.18 -4.94
C GLU A 350 -19.64 -3.13 -4.01
N SER A 351 -18.92 -4.24 -3.88
CA SER A 351 -17.65 -4.18 -3.05
C SER A 351 -16.66 -3.19 -3.57
N VAL A 352 -16.55 -3.13 -4.89
CA VAL A 352 -15.64 -2.13 -5.51
C VAL A 352 -16.13 -0.71 -5.27
N ALA A 353 -17.42 -0.54 -5.34
CA ALA A 353 -18.03 0.75 -4.94
C ALA A 353 -17.73 1.14 -3.58
N VAL A 354 -17.75 0.19 -2.64
CA VAL A 354 -17.43 0.52 -1.27
C VAL A 354 -15.92 0.89 -1.17
N VAL A 355 -15.06 0.12 -1.84
CA VAL A 355 -13.64 0.41 -1.91
C VAL A 355 -13.38 1.83 -2.44
N TRP A 356 -14.10 2.24 -3.50
CA TRP A 356 -14.03 3.60 -3.99
C TRP A 356 -14.54 4.67 -2.99
N GLU A 357 -15.72 4.51 -2.37
CA GLU A 357 -16.25 5.49 -1.40
C GLU A 357 -15.28 5.69 -0.31
N LYS A 358 -14.72 4.60 0.19
CA LYS A 358 -13.78 4.71 1.28
C LYS A 358 -12.51 5.43 0.94
N THR A 359 -12.00 5.20 -0.25
CA THR A 359 -10.85 5.89 -0.74
C THR A 359 -11.12 7.39 -0.95
N HIS A 360 -12.15 7.68 -1.72
CA HIS A 360 -12.56 9.03 -2.05
C HIS A 360 -12.78 9.94 -0.81
N LYS A 361 -13.31 9.36 0.26
CA LYS A 361 -13.63 10.09 1.49
C LYS A 361 -12.59 9.95 2.60
N ARG A 362 -11.45 9.31 2.29
CA ARG A 362 -10.46 9.08 3.30
C ARG A 362 -9.87 10.36 3.76
N LYS A 363 -9.67 10.42 5.06
CA LYS A 363 -9.28 11.66 5.66
C LYS A 363 -8.53 11.36 6.94
#